data_4DUH
#
_entry.id   4DUH
#
_cell.length_a   53.236
_cell.length_b   51.122
_cell.length_c   79.130
_cell.angle_alpha   90.000
_cell.angle_beta   95.680
_cell.angle_gamma   90.000
#
_symmetry.space_group_name_H-M   'P 1 21 1'
#
loop_
_entity.id
_entity.type
_entity.pdbx_description
1 polymer 'DNA gyrase subunit B'
2 non-polymer "4-{[4'-methyl-2'-(propanoylamino)-4,5'-bi-1,3-thiazol-2-yl]amino}benzoic acid"
3 water water
#
_entity_poly.entity_id   1
_entity_poly.type   'polypeptide(L)'
_entity_poly.pdbx_seq_one_letter_code
;MSNSYDSSSIKVLKGLDAVRKRPGMYIGDTDDGTGLHHMVFEVVDNAIDEALAGHCKEIIVTIHADNSVSVQDDGRGIPT
GIHPEEGVSAAEVIMTVLHAGGKFDDNSYKVSGGLHGVGVSVVNALSQKLELVIQREGKIHRQIYEHGVPQAPLAVTGET
EKTGTMVRFWPSLETFTNVTEFEYEILAKRLRELSFLNSGVSIRLRDKRDGKEDHFHYEG
;
_entity_poly.pdbx_strand_id   A,B
#
# COMPACT_ATOMS: atom_id res chain seq x y z
N GLY A 15 -10.45 13.90 -0.66
CA GLY A 15 -9.93 13.21 -1.87
C GLY A 15 -8.49 12.83 -1.64
N LEU A 16 -8.29 11.65 -1.05
CA LEU A 16 -6.92 11.25 -0.75
C LEU A 16 -6.15 11.10 -2.06
N ASP A 17 -6.80 10.56 -3.09
CA ASP A 17 -6.20 10.53 -4.42
C ASP A 17 -5.83 11.91 -4.97
N ALA A 18 -6.68 12.91 -4.71
CA ALA A 18 -6.44 14.27 -5.12
C ALA A 18 -5.15 14.84 -4.52
N VAL A 19 -4.93 14.62 -3.22
CA VAL A 19 -3.65 14.96 -2.64
C VAL A 19 -2.47 14.21 -3.29
N ARG A 20 -2.60 12.90 -3.53
CA ARG A 20 -1.51 12.15 -4.16
C ARG A 20 -1.30 12.56 -5.62
N LYS A 21 -2.37 13.00 -6.27
CA LYS A 21 -2.29 13.62 -7.60
C LYS A 21 -1.49 14.94 -7.62
N ARG A 22 -1.69 15.78 -6.61
CA ARG A 22 -1.03 17.09 -6.60
C ARG A 22 -0.31 17.37 -5.29
N PRO A 23 0.70 16.55 -4.97
CA PRO A 23 1.25 16.67 -3.62
C PRO A 23 1.98 18.00 -3.41
N GLY A 24 2.58 18.53 -4.47
CA GLY A 24 3.38 19.75 -4.38
C GLY A 24 2.55 20.91 -3.91
N MET A 25 1.28 20.90 -4.29
CA MET A 25 0.35 21.94 -3.92
C MET A 25 0.09 21.96 -2.41
N TYR A 26 0.39 20.86 -1.73
CA TYR A 26 0.25 20.80 -0.27
C TYR A 26 1.55 20.81 0.50
N ILE A 27 2.51 19.96 0.14
CA ILE A 27 3.72 19.86 0.99
C ILE A 27 5.00 20.24 0.29
N GLY A 28 4.91 20.70 -0.95
CA GLY A 28 6.12 21.17 -1.63
C GLY A 28 6.83 20.09 -2.44
N ASP A 29 8.13 20.27 -2.64
CA ASP A 29 8.86 19.47 -3.59
C ASP A 29 9.07 18.05 -3.06
N THR A 30 8.67 17.06 -3.86
CA THR A 30 8.72 15.67 -3.45
C THR A 30 10.02 14.96 -3.84
N ASP A 31 10.98 15.74 -4.35
CA ASP A 31 12.21 15.14 -4.86
C ASP A 31 13.49 15.58 -4.15
N ASP A 32 13.49 16.77 -3.54
CA ASP A 32 14.72 17.27 -2.96
C ASP A 32 14.78 17.14 -1.42
N GLY A 33 13.84 16.37 -0.85
CA GLY A 33 13.81 16.21 0.62
C GLY A 33 12.97 17.24 1.34
N THR A 34 12.63 18.35 0.71
CA THR A 34 11.97 19.43 1.46
C THR A 34 10.51 19.07 1.78
N GLY A 35 9.78 18.56 0.80
CA GLY A 35 8.43 18.04 1.07
C GLY A 35 8.43 16.93 2.11
N LEU A 36 9.43 16.05 2.04
CA LEU A 36 9.55 14.92 2.98
C LEU A 36 9.56 15.49 4.41
N HIS A 37 10.41 16.47 4.66
CA HIS A 37 10.52 17.05 6.00
C HIS A 37 9.35 17.95 6.34
N HIS A 38 8.71 18.59 5.36
CA HIS A 38 7.48 19.33 5.57
C HIS A 38 6.39 18.40 6.12
N MET A 39 6.42 17.15 5.78
CA MET A 39 5.47 16.18 6.38
C MET A 39 5.58 16.24 7.91
N VAL A 40 6.79 16.14 8.46
CA VAL A 40 7.02 16.24 9.90
C VAL A 40 6.54 17.58 10.38
N PHE A 41 6.85 18.66 9.68
CA PHE A 41 6.49 19.97 10.21
C PHE A 41 5.02 20.22 10.22
N GLU A 42 4.27 19.60 9.30
CA GLU A 42 2.81 19.69 9.37
C GLU A 42 2.31 19.07 10.66
N VAL A 43 2.79 17.87 11.01
CA VAL A 43 2.35 17.25 12.25
C VAL A 43 2.78 18.07 13.46
N VAL A 44 4.01 18.58 13.47
CA VAL A 44 4.46 19.42 14.56
C VAL A 44 3.63 20.72 14.65
N ASP A 45 3.25 21.30 13.51
CA ASP A 45 2.42 22.52 13.57
C ASP A 45 1.08 22.24 14.24
N ASN A 46 0.56 21.04 14.04
CA ASN A 46 -0.72 20.69 14.70
C ASN A 46 -0.54 20.54 16.21
N ALA A 47 0.57 19.98 16.65
CA ALA A 47 0.89 19.93 18.07
C ALA A 47 1.10 21.35 18.63
N ILE A 48 1.80 22.24 17.93
CA ILE A 48 2.05 23.58 18.40
C ILE A 48 0.74 24.35 18.55
N ASP A 49 -0.21 24.12 17.63
CA ASP A 49 -1.48 24.84 17.73
C ASP A 49 -2.21 24.49 18.99
N GLU A 50 -2.01 23.30 19.53
CA GLU A 50 -2.66 22.95 20.80
C GLU A 50 -2.09 23.66 22.01
N ALA A 51 -0.94 24.31 21.89
CA ALA A 51 -0.46 25.07 23.06
C ALA A 51 -1.39 26.24 23.34
N LEU A 52 -2.07 26.74 22.30
CA LEU A 52 -3.01 27.88 22.45
C LEU A 52 -4.43 27.39 22.41
N ALA A 53 -4.74 26.45 21.50
CA ALA A 53 -6.11 25.96 21.40
C ALA A 53 -6.48 24.97 22.51
N GLY A 54 -5.49 24.28 23.08
CA GLY A 54 -5.69 23.37 24.22
C GLY A 54 -4.69 23.77 25.28
N HIS A 55 -4.05 22.79 25.89
CA HIS A 55 -3.17 23.07 27.00
C HIS A 55 -1.86 22.30 26.80
N CYS A 56 -1.45 22.23 25.52
CA CYS A 56 -0.21 21.49 25.24
C CYS A 56 0.97 22.22 25.84
N LYS A 57 1.75 21.47 26.60
CA LYS A 57 3.00 21.94 27.18
C LYS A 57 4.23 21.19 26.75
N GLU A 58 4.07 20.03 26.10
CA GLU A 58 5.25 19.23 25.75
C GLU A 58 5.02 18.54 24.41
N ILE A 59 6.02 18.63 23.53
CA ILE A 59 5.97 17.97 22.22
C ILE A 59 7.26 17.16 22.07
N ILE A 60 7.14 15.87 21.74
CA ILE A 60 8.31 15.00 21.55
C ILE A 60 8.31 14.53 20.09
N VAL A 61 9.39 14.82 19.37
CA VAL A 61 9.57 14.41 17.97
C VAL A 61 10.69 13.37 17.94
N THR A 62 10.37 12.16 17.45
CA THR A 62 11.37 11.06 17.44
C THR A 62 11.58 10.56 16.02
N ILE A 63 12.85 10.38 15.64
CA ILE A 63 13.22 9.69 14.40
C ILE A 63 13.51 8.23 14.80
N HIS A 64 12.75 7.35 14.20
CA HIS A 64 12.90 5.90 14.47
C HIS A 64 13.91 5.35 13.47
N ALA A 65 14.37 4.13 13.77
CA ALA A 65 15.41 3.56 12.93
C ALA A 65 14.93 3.05 11.57
N ASP A 66 13.60 2.92 11.40
CA ASP A 66 13.01 2.47 10.15
C ASP A 66 12.46 3.61 9.27
N ASN A 67 13.10 4.77 9.39
CA ASN A 67 12.74 5.95 8.55
C ASN A 67 11.29 6.38 8.71
N SER A 68 10.82 6.30 9.94
CA SER A 68 9.50 6.90 10.31
C SER A 68 9.82 7.95 11.37
N VAL A 69 8.88 8.90 11.51
CA VAL A 69 8.94 9.93 12.56
C VAL A 69 7.66 9.90 13.33
N SER A 70 7.78 10.03 14.63
CA SER A 70 6.59 10.25 15.48
C SER A 70 6.63 11.62 16.10
N VAL A 71 5.43 12.12 16.36
CA VAL A 71 5.19 13.40 17.10
C VAL A 71 4.21 13.06 18.23
N GLN A 72 4.57 13.28 19.48
CA GLN A 72 3.68 13.11 20.62
C GLN A 72 3.42 14.45 21.23
N ASP A 73 2.18 14.79 21.46
CA ASP A 73 1.83 15.99 22.23
C ASP A 73 0.98 15.66 23.41
N ASP A 74 0.82 16.63 24.31
CA ASP A 74 -0.11 16.55 25.43
C ASP A 74 -1.21 17.60 25.26
N GLY A 75 -1.67 17.76 24.04
CA GLY A 75 -2.87 18.58 23.80
C GLY A 75 -4.15 17.86 24.15
N ARG A 76 -5.25 18.31 23.56
CA ARG A 76 -6.57 17.77 23.97
C ARG A 76 -6.84 16.38 23.45
N GLY A 77 -6.04 15.91 22.51
CA GLY A 77 -6.41 14.67 21.83
C GLY A 77 -7.30 14.94 20.64
N ILE A 78 -7.00 14.37 19.49
CA ILE A 78 -7.92 14.47 18.36
C ILE A 78 -9.28 13.88 18.80
N PRO A 79 -10.41 14.56 18.51
CA PRO A 79 -11.69 14.02 18.93
C PRO A 79 -11.99 12.60 18.39
N THR A 80 -12.68 11.82 19.22
CA THR A 80 -12.87 10.39 18.98
C THR A 80 -14.31 9.97 18.78
N GLY A 81 -15.24 10.82 19.13
CA GLY A 81 -16.68 10.46 19.00
C GLY A 81 -17.15 10.29 17.57
N ILE A 82 -18.15 9.44 17.36
CA ILE A 82 -18.71 9.25 16.00
C ILE A 82 -19.24 10.56 15.39
N HIS A 83 -18.78 10.91 14.20
CA HIS A 83 -19.24 12.10 13.51
C HIS A 83 -20.43 11.69 12.68
N PRO A 84 -21.58 12.37 12.88
CA PRO A 84 -22.84 11.86 12.33
C PRO A 84 -22.89 11.75 10.80
N GLU A 85 -22.41 12.77 10.09
CA GLU A 85 -22.49 12.72 8.64
C GLU A 85 -21.75 11.54 8.01
N GLU A 86 -20.59 11.18 8.58
CA GLU A 86 -19.75 10.15 7.97
C GLU A 86 -19.97 8.78 8.62
N GLY A 87 -20.51 8.75 9.83
CA GLY A 87 -20.73 7.52 10.61
C GLY A 87 -19.45 6.81 11.05
N VAL A 88 -18.35 7.57 11.05
CA VAL A 88 -17.09 7.10 11.65
C VAL A 88 -16.59 8.11 12.70
N SER A 89 -15.57 7.71 13.46
CA SER A 89 -14.97 8.60 14.45
C SER A 89 -14.54 9.92 13.84
N ALA A 90 -14.67 10.98 14.66
CA ALA A 90 -14.16 12.27 14.25
C ALA A 90 -12.71 12.16 13.83
N ALA A 91 -11.97 11.34 14.56
CA ALA A 91 -10.53 11.19 14.26
C ALA A 91 -10.30 10.74 12.83
N GLU A 92 -11.07 9.70 12.44
CA GLU A 92 -11.00 9.23 11.09
C GLU A 92 -11.36 10.28 10.07
N VAL A 93 -12.41 11.05 10.36
CA VAL A 93 -12.74 12.16 9.47
C VAL A 93 -11.60 13.16 9.32
N ILE A 94 -10.94 13.50 10.44
CA ILE A 94 -9.82 14.44 10.44
C ILE A 94 -8.63 13.87 9.64
N MET A 95 -8.67 12.48 9.71
CA MET A 95 -7.50 11.97 9.03
C MET A 95 -7.73 11.69 7.52
N THR A 96 -8.84 11.74 7.08
CA THR A 96 -9.15 11.26 5.72
C THR A 96 -9.84 12.29 4.85
N VAL A 97 -10.23 13.41 5.43
CA VAL A 97 -11.02 14.42 4.72
C VAL A 97 -10.29 15.74 4.82
N LEU A 98 -9.90 16.27 3.67
CA LEU A 98 -9.13 17.47 3.61
C LEU A 98 -9.82 18.62 4.36
N HIS A 99 -9.09 19.24 5.24
CA HIS A 99 -9.53 20.36 6.04
C HIS A 99 -10.55 20.09 7.11
N ALA A 100 -10.88 18.85 7.33
CA ALA A 100 -11.85 18.52 8.35
C ALA A 100 -11.28 18.73 9.75
N GLY A 101 -12.17 19.07 10.69
CA GLY A 101 -11.83 19.06 12.10
C GLY A 101 -12.08 20.35 12.87
N GLY A 102 -12.59 21.36 12.17
CA GLY A 102 -12.96 22.55 12.91
C GLY A 102 -11.84 23.56 13.09
N LYS A 103 -10.66 23.37 12.50
CA LYS A 103 -9.55 24.29 12.61
C LYS A 103 -9.20 24.99 11.30
N PHE A 104 -9.87 24.66 10.19
CA PHE A 104 -9.52 25.33 8.93
C PHE A 104 -10.33 26.62 8.81
N ASP A 105 -9.62 27.71 8.56
CA ASP A 105 -10.27 29.02 8.32
C ASP A 105 -9.88 29.40 6.90
N ASP A 106 -10.85 29.35 5.98
CA ASP A 106 -10.55 29.68 4.59
C ASP A 106 -10.29 31.15 4.33
N ASN A 107 -10.19 31.96 5.38
CA ASN A 107 -9.80 33.35 5.25
C ASN A 107 -8.60 33.76 6.12
N SER A 108 -7.74 32.81 6.47
CA SER A 108 -6.68 33.11 7.45
C SER A 108 -5.37 33.47 6.77
N GLY A 117 -2.24 25.95 8.17
CA GLY A 117 -1.76 25.28 7.00
C GLY A 117 -2.57 24.06 6.62
N VAL A 118 -1.85 23.03 6.20
CA VAL A 118 -2.25 21.95 5.31
C VAL A 118 -3.23 20.83 5.79
N GLY A 119 -3.00 20.31 6.98
CA GLY A 119 -3.89 19.35 7.62
C GLY A 119 -3.22 17.97 7.71
N VAL A 120 -3.41 17.25 8.82
CA VAL A 120 -2.85 15.90 8.97
C VAL A 120 -3.38 14.90 7.94
N SER A 121 -4.51 15.17 7.31
CA SER A 121 -4.96 14.31 6.24
C SER A 121 -4.04 14.29 5.06
N VAL A 122 -3.33 15.40 4.82
CA VAL A 122 -2.30 15.38 3.79
C VAL A 122 -1.14 14.44 4.12
N VAL A 123 -0.74 14.43 5.37
CA VAL A 123 0.31 13.54 5.80
C VAL A 123 -0.12 12.08 5.69
N ASN A 124 -1.35 11.81 6.07
CA ASN A 124 -1.85 10.47 5.94
C ASN A 124 -1.95 10.01 4.47
N ALA A 125 -2.46 10.89 3.61
CA ALA A 125 -2.56 10.56 2.19
C ALA A 125 -1.20 10.18 1.60
N LEU A 126 -0.12 10.84 2.04
CA LEU A 126 1.19 10.64 1.46
C LEU A 126 2.06 9.72 2.29
N SER A 127 1.46 8.93 3.18
CA SER A 127 2.20 7.95 3.99
C SER A 127 1.83 6.51 3.62
N GLN A 128 2.86 5.70 3.39
CA GLN A 128 2.68 4.25 3.30
C GLN A 128 1.93 3.66 4.47
N LYS A 129 2.29 4.09 5.70
CA LYS A 129 1.57 3.67 6.90
C LYS A 129 1.54 4.89 7.83
N LEU A 130 0.47 4.94 8.64
CA LEU A 130 0.35 5.98 9.70
C LEU A 130 -0.25 5.31 10.91
N GLU A 131 0.32 5.50 12.06
CA GLU A 131 -0.20 5.02 13.34
C GLU A 131 -0.67 6.23 14.13
N LEU A 132 -1.90 6.17 14.61
CA LEU A 132 -2.55 7.27 15.39
C LEU A 132 -2.89 6.71 16.74
N VAL A 133 -2.46 7.33 17.83
CA VAL A 133 -2.83 6.93 19.20
C VAL A 133 -3.29 8.17 19.93
N ILE A 134 -4.53 8.19 20.41
CA ILE A 134 -5.16 9.35 21.06
C ILE A 134 -5.45 9.03 22.50
N GLN A 135 -5.08 9.89 23.40
CA GLN A 135 -5.50 9.85 24.83
C GLN A 135 -6.56 10.89 25.03
N ARG A 136 -7.80 10.51 25.29
CA ARG A 136 -8.85 11.49 25.44
C ARG A 136 -10.05 10.87 26.17
N GLU A 137 -10.71 11.68 26.98
CA GLU A 137 -11.91 11.22 27.70
C GLU A 137 -11.72 9.92 28.44
N GLY A 138 -10.54 9.78 29.02
CA GLY A 138 -10.34 8.62 29.90
C GLY A 138 -9.85 7.38 29.21
N LYS A 139 -9.75 7.42 27.88
CA LYS A 139 -9.40 6.21 27.14
C LYS A 139 -8.24 6.45 26.20
N ILE A 140 -7.51 5.38 25.91
CA ILE A 140 -6.52 5.33 24.80
C ILE A 140 -7.19 4.76 23.58
N HIS A 141 -7.05 5.38 22.43
CA HIS A 141 -7.64 4.97 21.18
C HIS A 141 -6.58 4.81 20.12
N ARG A 142 -6.70 3.84 19.21
CA ARG A 142 -5.66 3.57 18.21
C ARG A 142 -6.26 3.28 16.87
N GLN A 143 -5.58 3.70 15.80
CA GLN A 143 -5.98 3.38 14.45
C GLN A 143 -4.75 3.39 13.56
N ILE A 144 -4.70 2.47 12.61
CA ILE A 144 -3.57 2.35 11.69
C ILE A 144 -4.14 2.55 10.29
N TYR A 145 -3.42 3.30 9.46
CA TYR A 145 -3.79 3.55 8.10
C TYR A 145 -2.68 3.11 7.18
N GLU A 146 -3.09 2.69 5.96
CA GLU A 146 -2.13 2.39 4.89
C GLU A 146 -2.49 3.16 3.65
N HIS A 147 -1.63 4.05 3.21
CA HIS A 147 -2.00 5.01 2.19
C HIS A 147 -3.33 5.74 2.43
N GLY A 148 -3.58 6.01 3.70
CA GLY A 148 -4.76 6.80 4.04
C GLY A 148 -6.02 5.98 4.28
N VAL A 149 -5.93 4.66 4.15
CA VAL A 149 -7.06 3.73 4.34
C VAL A 149 -6.91 3.04 5.70
N PRO A 150 -7.93 3.14 6.58
CA PRO A 150 -7.83 2.56 7.90
C PRO A 150 -7.90 1.04 7.91
N GLN A 151 -7.11 0.39 8.73
CA GLN A 151 -7.22 -1.09 8.89
C GLN A 151 -8.52 -1.48 9.60
N ALA A 152 -8.94 -0.67 10.56
CA ALA A 152 -10.12 -0.97 11.36
C ALA A 152 -10.63 0.39 11.84
N PRO A 153 -11.87 0.48 12.28
CA PRO A 153 -12.35 1.71 12.93
C PRO A 153 -11.49 2.02 14.15
N LEU A 154 -11.39 3.34 14.47
CA LEU A 154 -10.75 3.69 15.71
C LEU A 154 -11.28 2.83 16.87
N ALA A 155 -10.36 2.33 17.66
CA ALA A 155 -10.70 1.43 18.75
C ALA A 155 -10.10 1.77 20.07
N VAL A 156 -10.79 1.46 21.17
CA VAL A 156 -10.26 1.69 22.49
C VAL A 156 -9.29 0.61 22.89
N THR A 157 -8.11 1.01 23.36
CA THR A 157 -7.08 0.02 23.74
C THR A 157 -6.79 -0.06 25.24
N GLY A 158 -7.33 0.87 26.02
CA GLY A 158 -7.04 0.90 27.45
C GLY A 158 -7.44 2.23 28.06
N GLU A 159 -7.16 2.37 29.35
CA GLU A 159 -7.64 3.52 30.12
C GLU A 159 -6.43 4.44 30.31
N THR A 160 -6.71 5.74 30.44
CA THR A 160 -5.65 6.72 30.75
C THR A 160 -6.28 7.95 31.40
N GLU A 161 -5.49 8.66 32.19
CA GLU A 161 -5.90 9.99 32.65
C GLU A 161 -5.28 11.11 31.80
N LYS A 162 -4.40 10.73 30.89
CA LYS A 162 -3.72 11.75 30.06
C LYS A 162 -4.58 12.21 28.91
N THR A 163 -4.17 13.35 28.32
CA THR A 163 -4.76 13.72 27.03
C THR A 163 -3.62 14.02 26.07
N GLY A 164 -3.83 13.70 24.81
CA GLY A 164 -2.79 14.02 23.82
C GLY A 164 -2.95 13.20 22.59
N THR A 165 -2.09 13.44 21.61
CA THR A 165 -2.11 12.72 20.33
C THR A 165 -0.72 12.35 19.92
N MET A 166 -0.55 11.13 19.41
CA MET A 166 0.73 10.64 18.86
C MET A 166 0.43 10.20 17.44
N VAL A 167 1.12 10.76 16.46
CA VAL A 167 1.10 10.34 15.07
C VAL A 167 2.51 9.87 14.71
N ARG A 168 2.65 8.63 14.22
CA ARG A 168 3.92 8.11 13.66
C ARG A 168 3.67 7.74 12.22
N PHE A 169 4.47 8.24 11.29
CA PHE A 169 4.19 7.97 9.88
C PHE A 169 5.44 7.50 9.15
N TRP A 170 5.19 6.65 8.12
CA TRP A 170 6.25 6.07 7.26
C TRP A 170 5.91 6.64 5.88
N PRO A 171 6.75 7.54 5.31
CA PRO A 171 6.37 8.23 4.11
C PRO A 171 6.26 7.30 2.88
N SER A 172 5.35 7.63 1.99
CA SER A 172 5.21 6.85 0.73
C SER A 172 6.36 7.09 -0.25
N LEU A 173 6.98 5.99 -0.63
CA LEU A 173 8.05 6.07 -1.65
C LEU A 173 7.47 6.17 -3.07
N GLU A 174 6.15 6.06 -3.22
CA GLU A 174 5.50 6.39 -4.48
C GLU A 174 5.39 7.89 -4.66
N THR A 175 5.45 8.63 -3.56
CA THR A 175 5.33 10.08 -3.67
C THR A 175 6.71 10.69 -3.54
N PHE A 176 7.46 10.26 -2.53
CA PHE A 176 8.76 10.88 -2.24
C PHE A 176 9.90 10.13 -2.94
N THR A 177 10.68 10.86 -3.72
CA THR A 177 11.81 10.24 -4.42
C THR A 177 13.11 10.93 -4.12
N ASN A 178 14.22 10.29 -4.50
CA ASN A 178 15.57 10.85 -4.36
C ASN A 178 15.99 11.00 -2.90
N VAL A 179 15.65 12.13 -2.27
CA VAL A 179 15.96 12.29 -0.86
C VAL A 179 14.75 11.82 -0.06
N THR A 180 14.87 10.64 0.52
CA THR A 180 13.75 9.95 1.12
C THR A 180 13.98 9.64 2.58
N GLU A 181 15.20 9.88 3.10
CA GLU A 181 15.56 9.60 4.49
C GLU A 181 15.50 10.89 5.33
N PHE A 182 14.90 10.80 6.52
CA PHE A 182 14.88 11.97 7.42
C PHE A 182 16.21 12.31 8.01
N GLU A 183 16.47 13.62 8.08
CA GLU A 183 17.71 14.16 8.56
C GLU A 183 17.56 14.89 9.84
N TYR A 184 18.29 14.46 10.85
CA TYR A 184 18.21 15.03 12.21
C TYR A 184 18.38 16.55 12.12
N GLU A 185 19.37 17.02 11.37
CA GLU A 185 19.71 18.43 11.46
C GLU A 185 18.62 19.30 10.83
N ILE A 186 17.93 18.82 9.78
CA ILE A 186 16.84 19.58 9.19
C ILE A 186 15.72 19.73 10.22
N LEU A 187 15.44 18.66 10.96
CA LEU A 187 14.37 18.76 11.97
C LEU A 187 14.81 19.64 13.09
N ALA A 188 16.05 19.51 13.59
CA ALA A 188 16.51 20.32 14.74
C ALA A 188 16.45 21.83 14.38
N LYS A 189 16.81 22.17 13.16
CA LYS A 189 16.87 23.58 12.79
C LYS A 189 15.46 24.16 12.82
N ARG A 190 14.46 23.42 12.35
CA ARG A 190 13.11 24.02 12.35
C ARG A 190 12.51 23.98 13.74
N LEU A 191 12.80 22.94 14.54
CA LEU A 191 12.33 22.95 15.90
C LEU A 191 12.93 24.04 16.80
N ARG A 192 14.16 24.43 16.52
CA ARG A 192 14.82 25.50 17.21
C ARG A 192 14.15 26.85 16.89
N GLU A 193 13.73 27.05 15.65
CA GLU A 193 12.97 28.26 15.30
C GLU A 193 11.62 28.24 15.98
N LEU A 194 10.96 27.09 15.95
CA LEU A 194 9.62 27.01 16.53
C LEU A 194 9.71 27.24 18.03
N SER A 195 10.77 26.76 18.66
CA SER A 195 10.92 27.03 20.09
C SER A 195 11.03 28.53 20.37
N PHE A 196 11.77 29.24 19.53
CA PHE A 196 11.91 30.68 19.80
C PHE A 196 10.58 31.39 19.74
N LEU A 197 9.68 30.97 18.88
CA LEU A 197 8.39 31.63 18.75
C LEU A 197 7.29 31.02 19.65
N ASN A 198 7.62 29.94 20.36
CA ASN A 198 6.69 29.32 21.28
C ASN A 198 7.46 28.91 22.52
N SER A 199 7.99 29.91 23.22
CA SER A 199 8.95 29.63 24.28
C SER A 199 8.38 29.00 25.57
N GLY A 200 7.06 28.86 25.65
CA GLY A 200 6.43 28.19 26.77
C GLY A 200 6.21 26.68 26.59
N VAL A 201 6.55 26.18 25.41
CA VAL A 201 6.31 24.74 25.10
C VAL A 201 7.62 24.03 25.17
N SER A 202 7.69 22.92 25.91
CA SER A 202 8.89 22.09 25.91
C SER A 202 8.86 21.26 24.61
N ILE A 203 9.92 21.32 23.84
CA ILE A 203 10.08 20.58 22.58
C ILE A 203 11.31 19.70 22.69
N ARG A 204 11.11 18.39 22.50
CA ARG A 204 12.21 17.46 22.51
C ARG A 204 12.35 16.78 21.19
N LEU A 205 13.56 16.59 20.73
CA LEU A 205 13.87 15.85 19.54
C LEU A 205 14.80 14.69 19.93
N ARG A 206 14.45 13.48 19.51
CA ARG A 206 15.23 12.30 19.88
C ARG A 206 15.46 11.47 18.64
N ASP A 207 16.68 10.94 18.49
CA ASP A 207 16.99 10.05 17.37
C ASP A 207 17.30 8.65 17.92
N LYS A 208 16.39 7.73 17.69
CA LYS A 208 16.61 6.35 18.16
C LYS A 208 17.81 5.67 17.53
N ARG A 209 18.25 6.15 16.38
CA ARG A 209 19.39 5.44 15.72
C ARG A 209 20.66 5.52 16.52
N ASP A 210 20.92 6.66 17.14
CA ASP A 210 22.18 6.87 17.85
C ASP A 210 22.05 7.45 19.23
N GLY A 211 20.82 7.74 19.67
CA GLY A 211 20.60 8.29 20.97
C GLY A 211 20.76 9.82 21.14
N LYS A 212 20.98 10.47 20.01
CA LYS A 212 21.12 11.96 20.01
C LYS A 212 19.80 12.59 20.45
N GLU A 213 19.88 13.65 21.24
CA GLU A 213 18.65 14.36 21.65
C GLU A 213 18.95 15.83 21.87
N ASP A 214 17.90 16.62 21.73
CA ASP A 214 17.99 18.03 22.02
C ASP A 214 16.71 18.47 22.65
N HIS A 215 16.81 19.43 23.55
CA HIS A 215 15.65 19.94 24.23
C HIS A 215 15.61 21.44 23.97
N PHE A 216 14.40 21.97 23.79
CA PHE A 216 14.21 23.41 23.56
C PHE A 216 13.08 23.84 24.48
N HIS A 217 13.09 25.04 25.07
CA HIS A 217 14.15 26.00 24.96
C HIS A 217 15.34 25.54 25.82
N VAL B 12 -9.47 -33.10 -15.32
CA VAL B 12 -8.93 -31.81 -14.77
C VAL B 12 -7.44 -31.91 -14.48
N LEU B 13 -7.08 -32.85 -13.59
CA LEU B 13 -5.67 -33.16 -13.34
C LEU B 13 -4.98 -33.58 -14.63
N LYS B 14 -5.71 -34.34 -15.45
CA LYS B 14 -5.25 -34.69 -16.80
C LYS B 14 -5.05 -33.47 -17.71
N GLY B 15 -5.94 -32.48 -17.59
CA GLY B 15 -5.85 -31.25 -18.39
C GLY B 15 -4.60 -30.43 -18.11
N LEU B 16 -4.30 -30.26 -16.83
CA LEU B 16 -3.03 -29.66 -16.41
C LEU B 16 -1.86 -30.42 -17.03
N ASP B 17 -1.89 -31.75 -16.93
CA ASP B 17 -0.80 -32.61 -17.41
C ASP B 17 -0.46 -32.37 -18.88
N ALA B 18 -1.47 -32.14 -19.70
CA ALA B 18 -1.28 -31.88 -21.12
C ALA B 18 -0.42 -30.64 -21.38
N VAL B 19 -0.56 -29.63 -20.52
CA VAL B 19 0.16 -28.38 -20.74
C VAL B 19 1.63 -28.60 -20.41
N ARG B 20 1.89 -29.40 -19.39
CA ARG B 20 3.25 -29.70 -18.98
C ARG B 20 3.96 -30.56 -20.02
N LYS B 21 3.18 -31.34 -20.75
CA LYS B 21 3.70 -32.24 -21.78
C LYS B 21 4.22 -31.50 -23.01
N ARG B 22 3.47 -30.51 -23.49
CA ARG B 22 3.90 -29.66 -24.60
C ARG B 22 3.81 -28.17 -24.31
N PRO B 23 4.64 -27.69 -23.37
CA PRO B 23 4.52 -26.32 -22.89
C PRO B 23 4.72 -25.31 -24.02
N GLY B 24 5.54 -25.68 -24.99
CA GLY B 24 5.87 -24.79 -26.10
C GLY B 24 4.68 -24.23 -26.87
N MET B 25 3.63 -25.03 -27.02
CA MET B 25 2.48 -24.63 -27.84
C MET B 25 1.44 -23.81 -27.08
N TYR B 26 1.60 -23.71 -25.76
CA TYR B 26 0.71 -22.92 -24.93
C TYR B 26 1.35 -21.58 -24.62
N ILE B 27 2.65 -21.58 -24.37
CA ILE B 27 3.31 -20.45 -23.72
C ILE B 27 4.46 -19.85 -24.54
N GLY B 28 4.92 -20.59 -25.54
CA GLY B 28 6.08 -20.14 -26.33
C GLY B 28 7.34 -20.87 -25.91
N ASP B 29 8.48 -20.45 -26.44
CA ASP B 29 9.71 -21.20 -26.25
C ASP B 29 10.12 -21.22 -24.78
N THR B 30 10.45 -22.42 -24.30
CA THR B 30 10.68 -22.64 -22.88
C THR B 30 12.18 -22.61 -22.55
N ASP B 31 13.01 -22.31 -23.56
CA ASP B 31 14.45 -22.33 -23.39
C ASP B 31 15.16 -20.98 -23.55
N ASP B 32 14.58 -20.05 -24.29
CA ASP B 32 15.26 -18.77 -24.55
C ASP B 32 14.70 -17.58 -23.75
N GLY B 33 13.80 -17.86 -22.83
CA GLY B 33 13.21 -16.80 -22.01
C GLY B 33 11.91 -16.23 -22.54
N THR B 34 11.60 -16.50 -23.81
CA THR B 34 10.37 -16.02 -24.46
C THR B 34 9.14 -16.42 -23.63
N GLY B 35 9.00 -17.72 -23.43
CA GLY B 35 7.81 -18.27 -22.79
C GLY B 35 7.77 -17.92 -21.32
N LEU B 36 8.96 -17.87 -20.70
CA LEU B 36 9.11 -17.40 -19.31
C LEU B 36 8.47 -16.02 -19.09
N HIS B 37 8.75 -15.08 -19.99
CA HIS B 37 8.25 -13.73 -19.82
C HIS B 37 6.78 -13.64 -20.24
N HIS B 38 6.36 -14.51 -21.15
CA HIS B 38 4.96 -14.63 -21.55
C HIS B 38 4.05 -15.07 -20.40
N MET B 39 4.64 -15.76 -19.42
CA MET B 39 3.88 -16.19 -18.24
C MET B 39 3.40 -14.95 -17.50
N VAL B 40 4.29 -13.98 -17.38
CA VAL B 40 3.92 -12.73 -16.69
C VAL B 40 2.84 -12.03 -17.48
N PHE B 41 3.03 -11.98 -18.80
CA PHE B 41 2.17 -11.14 -19.63
C PHE B 41 0.75 -11.68 -19.65
N GLU B 42 0.60 -12.99 -19.51
CA GLU B 42 -0.71 -13.62 -19.44
C GLU B 42 -1.48 -13.13 -18.20
N VAL B 43 -0.79 -13.13 -17.05
CA VAL B 43 -1.42 -12.64 -15.85
C VAL B 43 -1.74 -11.13 -15.98
N VAL B 44 -0.77 -10.34 -16.45
CA VAL B 44 -0.97 -8.90 -16.69
C VAL B 44 -2.16 -8.63 -17.62
N ASP B 45 -2.34 -9.47 -18.63
CA ASP B 45 -3.49 -9.31 -19.54
C ASP B 45 -4.86 -9.48 -18.86
N ASN B 46 -4.93 -10.35 -17.87
CA ASN B 46 -6.15 -10.46 -17.12
C ASN B 46 -6.45 -9.22 -16.25
N ALA B 47 -5.40 -8.60 -15.72
CA ALA B 47 -5.57 -7.37 -14.94
C ALA B 47 -5.98 -6.21 -15.85
N ILE B 48 -5.39 -6.19 -17.03
CA ILE B 48 -5.69 -5.15 -18.01
C ILE B 48 -7.15 -5.28 -18.47
N ASP B 49 -7.63 -6.49 -18.61
CA ASP B 49 -9.02 -6.70 -18.99
C ASP B 49 -9.99 -6.15 -17.97
N GLU B 50 -9.63 -6.22 -16.68
CA GLU B 50 -10.42 -5.62 -15.61
C GLU B 50 -10.47 -4.10 -15.69
N ALA B 51 -9.42 -3.50 -16.23
CA ALA B 51 -9.33 -2.07 -16.36
C ALA B 51 -10.30 -1.65 -17.46
N LEU B 52 -10.27 -2.40 -18.57
CA LEU B 52 -11.04 -2.05 -19.78
C LEU B 52 -12.51 -1.95 -19.45
N ALA B 53 -12.98 -2.82 -18.57
CA ALA B 53 -14.37 -2.86 -18.17
C ALA B 53 -14.61 -1.84 -17.04
N GLY B 54 -13.62 -1.01 -16.80
CA GLY B 54 -13.69 0.02 -15.77
C GLY B 54 -13.77 -0.47 -14.33
N HIS B 55 -13.20 -1.64 -14.06
CA HIS B 55 -13.14 -2.15 -12.68
C HIS B 55 -11.81 -1.93 -11.93
N CYS B 56 -10.73 -1.70 -12.68
CA CYS B 56 -9.37 -1.69 -12.12
C CYS B 56 -8.66 -0.39 -12.48
N LYS B 57 -7.95 0.19 -11.52
CA LYS B 57 -7.22 1.42 -11.77
C LYS B 57 -5.70 1.35 -11.50
N GLU B 58 -5.25 0.32 -10.77
CA GLU B 58 -3.82 0.18 -10.51
C GLU B 58 -3.42 -1.27 -10.61
N ILE B 59 -2.32 -1.51 -11.33
CA ILE B 59 -1.74 -2.83 -11.41
C ILE B 59 -0.29 -2.73 -10.98
N ILE B 60 0.17 -3.69 -10.17
CA ILE B 60 1.55 -3.68 -9.67
C ILE B 60 2.18 -5.00 -10.02
N VAL B 61 3.27 -4.95 -10.77
CA VAL B 61 4.02 -6.13 -11.14
C VAL B 61 5.34 -6.10 -10.37
N THR B 62 5.64 -7.21 -9.68
CA THR B 62 6.82 -7.27 -8.83
C THR B 62 7.65 -8.51 -9.18
N ILE B 63 8.93 -8.30 -9.45
CA ILE B 63 9.91 -9.38 -9.51
C ILE B 63 10.46 -9.51 -8.10
N HIS B 64 10.22 -10.65 -7.50
CA HIS B 64 10.60 -10.89 -6.12
C HIS B 64 12.04 -11.37 -6.07
N ALA B 65 12.62 -11.27 -4.89
CA ALA B 65 14.03 -11.61 -4.68
C ALA B 65 14.33 -13.05 -5.07
N ASP B 66 13.33 -13.92 -4.96
CA ASP B 66 13.49 -15.34 -5.27
C ASP B 66 13.13 -15.74 -6.72
N ASN B 67 13.07 -14.76 -7.62
CA ASN B 67 12.71 -15.00 -9.02
C ASN B 67 11.32 -15.63 -9.24
N SER B 68 10.39 -15.30 -8.35
CA SER B 68 8.96 -15.39 -8.65
C SER B 68 8.51 -14.00 -9.09
N VAL B 69 7.33 -13.95 -9.71
CA VAL B 69 6.71 -12.65 -10.07
C VAL B 69 5.30 -12.58 -9.53
N SER B 70 4.88 -11.40 -9.03
CA SER B 70 3.50 -11.21 -8.68
C SER B 70 2.87 -10.16 -9.55
N VAL B 71 1.57 -10.30 -9.71
CA VAL B 71 0.75 -9.24 -10.34
C VAL B 71 -0.41 -9.00 -9.40
N GLN B 72 -0.61 -7.74 -9.05
CA GLN B 72 -1.73 -7.39 -8.18
C GLN B 72 -2.60 -6.38 -8.94
N ASP B 73 -3.91 -6.54 -8.87
CA ASP B 73 -4.79 -5.51 -9.37
C ASP B 73 -5.80 -5.09 -8.31
N ASP B 74 -6.50 -4.00 -8.60
CA ASP B 74 -7.65 -3.61 -7.80
C ASP B 74 -8.94 -3.70 -8.61
N GLY B 75 -9.07 -4.79 -9.36
CA GLY B 75 -10.32 -5.12 -10.05
C GLY B 75 -11.34 -5.76 -9.12
N ARG B 76 -12.25 -6.54 -9.69
CA ARG B 76 -13.39 -7.05 -8.96
C ARG B 76 -13.01 -8.20 -8.03
N GLY B 77 -11.87 -8.83 -8.29
CA GLY B 77 -11.55 -10.05 -7.57
C GLY B 77 -12.11 -11.27 -8.26
N ILE B 78 -11.29 -12.27 -8.49
CA ILE B 78 -11.78 -13.51 -9.05
C ILE B 78 -12.91 -14.06 -8.16
N PRO B 79 -14.03 -14.46 -8.76
CA PRO B 79 -15.17 -14.93 -7.95
C PRO B 79 -14.78 -16.10 -7.02
N THR B 80 -15.42 -16.17 -5.87
CA THR B 80 -14.93 -17.07 -4.82
C THR B 80 -15.97 -18.11 -4.46
N GLY B 81 -17.22 -17.86 -4.86
CA GLY B 81 -18.33 -18.72 -4.43
C GLY B 81 -18.16 -20.13 -4.94
N ILE B 82 -18.60 -21.12 -4.16
CA ILE B 82 -18.57 -22.51 -4.59
C ILE B 82 -19.40 -22.77 -5.87
N HIS B 83 -18.75 -23.25 -6.93
CA HIS B 83 -19.34 -23.75 -8.16
C HIS B 83 -19.86 -25.11 -7.82
N PRO B 84 -21.14 -25.24 -7.51
CA PRO B 84 -21.62 -26.51 -6.92
C PRO B 84 -21.61 -27.67 -7.93
N GLU B 85 -21.53 -27.34 -9.22
CA GLU B 85 -21.23 -28.32 -10.28
C GLU B 85 -19.85 -28.98 -10.13
N GLU B 86 -18.81 -28.16 -9.93
CA GLU B 86 -17.46 -28.68 -9.73
C GLU B 86 -17.18 -28.92 -8.24
N GLY B 87 -18.04 -28.38 -7.39
CA GLY B 87 -17.93 -28.51 -5.94
C GLY B 87 -16.74 -27.82 -5.30
N VAL B 88 -16.10 -26.91 -6.01
CA VAL B 88 -15.00 -26.11 -5.45
C VAL B 88 -15.24 -24.64 -5.82
N SER B 89 -14.54 -23.73 -5.14
CA SER B 89 -14.66 -22.30 -5.45
C SER B 89 -14.54 -22.00 -6.95
N ALA B 90 -15.27 -20.99 -7.40
CA ALA B 90 -15.13 -20.54 -8.77
C ALA B 90 -13.67 -20.18 -9.09
N ALA B 91 -12.96 -19.62 -8.11
CA ALA B 91 -11.54 -19.27 -8.32
C ALA B 91 -10.70 -20.49 -8.63
N GLU B 92 -10.96 -21.58 -7.91
CA GLU B 92 -10.23 -22.81 -8.19
C GLU B 92 -10.52 -23.32 -9.61
N VAL B 93 -11.78 -23.26 -10.04
CA VAL B 93 -12.13 -23.64 -11.42
C VAL B 93 -11.37 -22.83 -12.48
N ILE B 94 -11.38 -21.53 -12.30
CA ILE B 94 -10.57 -20.63 -13.13
C ILE B 94 -9.07 -20.97 -13.18
N MET B 95 -8.49 -21.34 -12.03
CA MET B 95 -7.06 -21.65 -11.95
C MET B 95 -6.67 -23.02 -12.53
N THR B 96 -7.65 -23.91 -12.70
CA THR B 96 -7.36 -25.29 -13.03
C THR B 96 -7.93 -25.79 -14.36
N VAL B 97 -8.82 -25.00 -14.98
CA VAL B 97 -9.58 -25.45 -16.16
C VAL B 97 -9.35 -24.49 -17.32
N LEU B 98 -8.90 -25.01 -18.46
CA LEU B 98 -8.48 -24.15 -19.57
C LEU B 98 -9.62 -23.24 -20.02
N HIS B 99 -9.34 -21.94 -20.06
CA HIS B 99 -10.28 -20.95 -20.59
C HIS B 99 -11.51 -20.69 -19.71
N ALA B 100 -11.54 -21.26 -18.50
CA ALA B 100 -12.71 -21.13 -17.63
C ALA B 100 -12.80 -19.71 -17.06
N GLY B 101 -14.02 -19.24 -16.80
CA GLY B 101 -14.19 -18.01 -16.05
C GLY B 101 -14.98 -16.94 -16.78
N GLY B 102 -15.25 -17.18 -18.05
CA GLY B 102 -16.12 -16.28 -18.81
C GLY B 102 -15.44 -15.10 -19.46
N LYS B 103 -14.12 -15.16 -19.60
CA LYS B 103 -13.43 -14.12 -20.33
C LYS B 103 -12.89 -14.58 -21.69
N PHE B 104 -13.12 -15.85 -22.02
CA PHE B 104 -12.67 -16.37 -23.30
C PHE B 104 -13.82 -16.35 -24.30
N GLY B 117 -4.60 -14.70 -25.10
CA GLY B 117 -5.46 -15.34 -24.06
C GLY B 117 -5.22 -16.84 -23.92
N VAL B 118 -4.09 -17.22 -23.31
CA VAL B 118 -3.87 -18.62 -22.95
C VAL B 118 -4.55 -18.99 -21.64
N GLY B 119 -4.75 -18.00 -20.77
CA GLY B 119 -5.48 -18.21 -19.53
C GLY B 119 -4.55 -18.47 -18.35
N VAL B 120 -4.98 -18.03 -17.17
CA VAL B 120 -4.16 -18.21 -15.97
C VAL B 120 -3.97 -19.67 -15.61
N SER B 121 -4.85 -20.56 -16.07
CA SER B 121 -4.66 -21.97 -15.79
C SER B 121 -3.40 -22.53 -16.42
N VAL B 122 -2.96 -21.97 -17.55
CA VAL B 122 -1.67 -22.37 -18.15
C VAL B 122 -0.46 -21.90 -17.30
N VAL B 123 -0.52 -20.67 -16.80
CA VAL B 123 0.48 -20.19 -15.87
C VAL B 123 0.57 -21.07 -14.62
N ASN B 124 -0.59 -21.41 -14.07
CA ASN B 124 -0.65 -22.30 -12.94
C ASN B 124 0.00 -23.66 -13.25
N ALA B 125 -0.32 -24.22 -14.41
CA ALA B 125 0.14 -25.58 -14.74
C ALA B 125 1.66 -25.63 -14.86
N LEU B 126 2.25 -24.52 -15.30
CA LEU B 126 3.69 -24.42 -15.55
C LEU B 126 4.44 -23.73 -14.39
N SER B 127 3.79 -23.65 -13.23
CA SER B 127 4.40 -23.04 -12.04
C SER B 127 4.60 -24.09 -10.95
N GLN B 128 5.82 -24.23 -10.48
CA GLN B 128 6.08 -25.11 -9.35
C GLN B 128 5.33 -24.70 -8.08
N LYS B 129 5.07 -23.40 -7.93
CA LYS B 129 4.13 -22.93 -6.89
C LYS B 129 3.40 -21.69 -7.43
N LEU B 130 2.17 -21.51 -6.97
CA LEU B 130 1.39 -20.30 -7.28
C LEU B 130 0.58 -19.92 -6.02
N GLU B 131 0.66 -18.64 -5.65
CA GLU B 131 -0.11 -18.05 -4.54
C GLU B 131 -1.21 -17.15 -5.11
N LEU B 132 -2.44 -17.41 -4.69
CA LEU B 132 -3.59 -16.59 -5.16
C LEU B 132 -4.21 -15.91 -3.92
N VAL B 133 -4.37 -14.60 -3.99
CA VAL B 133 -5.01 -13.83 -2.89
C VAL B 133 -6.06 -12.92 -3.50
N ILE B 134 -7.30 -13.12 -3.10
CA ILE B 134 -8.44 -12.38 -3.65
C ILE B 134 -9.09 -11.56 -2.55
N GLN B 135 -9.27 -10.28 -2.82
CA GLN B 135 -10.12 -9.43 -1.99
C GLN B 135 -11.47 -9.27 -2.69
N ARG B 136 -12.53 -9.76 -2.07
CA ARG B 136 -13.89 -9.75 -2.67
C ARG B 136 -14.98 -9.98 -1.60
N GLU B 137 -16.13 -9.33 -1.79
CA GLU B 137 -17.32 -9.54 -0.94
C GLU B 137 -17.00 -9.51 0.55
N GLY B 138 -16.15 -8.57 0.94
CA GLY B 138 -15.86 -8.34 2.36
C GLY B 138 -14.66 -9.07 2.92
N LYS B 139 -14.19 -10.10 2.20
CA LYS B 139 -13.20 -11.03 2.73
C LYS B 139 -11.89 -11.08 1.90
N ILE B 140 -10.76 -11.32 2.57
CA ILE B 140 -9.54 -11.80 1.92
C ILE B 140 -9.56 -13.32 1.83
N HIS B 141 -9.20 -13.87 0.66
CA HIS B 141 -9.24 -15.31 0.39
C HIS B 141 -7.89 -15.69 -0.16
N ARG B 142 -7.37 -16.84 0.28
CA ARG B 142 -6.03 -17.27 -0.17
C ARG B 142 -6.03 -18.72 -0.54
N GLN B 143 -5.20 -19.05 -1.54
CA GLN B 143 -5.02 -20.42 -1.96
C GLN B 143 -3.66 -20.66 -2.59
N ILE B 144 -3.07 -21.82 -2.30
CA ILE B 144 -1.76 -22.18 -2.84
C ILE B 144 -1.89 -23.37 -3.80
N TYR B 145 -1.14 -23.32 -4.89
CA TYR B 145 -1.09 -24.44 -5.84
C TYR B 145 0.35 -24.86 -5.98
N GLU B 146 0.55 -26.12 -6.41
CA GLU B 146 1.89 -26.59 -6.78
C GLU B 146 1.76 -27.44 -8.03
N HIS B 147 2.43 -27.05 -9.10
CA HIS B 147 2.30 -27.65 -10.43
C HIS B 147 0.83 -27.76 -10.87
N GLY B 148 0.03 -26.79 -10.43
CA GLY B 148 -1.34 -26.67 -10.88
C GLY B 148 -2.34 -27.35 -9.97
N VAL B 149 -1.84 -28.01 -8.93
CA VAL B 149 -2.70 -28.78 -8.02
C VAL B 149 -2.96 -27.98 -6.73
N PRO B 150 -4.24 -27.78 -6.39
CA PRO B 150 -4.52 -26.99 -5.19
C PRO B 150 -4.08 -27.72 -3.95
N GLN B 151 -3.50 -26.99 -3.01
CA GLN B 151 -2.99 -27.61 -1.78
C GLN B 151 -4.03 -27.74 -0.67
N ALA B 152 -4.99 -26.83 -0.68
CA ALA B 152 -6.12 -26.80 0.23
C ALA B 152 -7.15 -25.94 -0.47
N PRO B 153 -8.43 -26.02 -0.05
CA PRO B 153 -9.44 -25.17 -0.70
C PRO B 153 -9.17 -23.70 -0.44
N LEU B 154 -9.65 -22.84 -1.33
CA LEU B 154 -9.68 -21.43 -1.06
C LEU B 154 -10.23 -21.10 0.32
N ALA B 155 -9.49 -20.30 1.08
CA ALA B 155 -9.85 -20.06 2.51
C ALA B 155 -9.90 -18.57 2.81
N VAL B 156 -10.79 -18.18 3.73
CA VAL B 156 -10.82 -16.80 4.19
C VAL B 156 -9.74 -16.58 5.24
N THR B 157 -8.99 -15.50 5.08
CA THR B 157 -7.89 -15.10 5.94
C THR B 157 -8.01 -13.78 6.67
N GLY B 158 -9.06 -13.00 6.35
CA GLY B 158 -9.08 -11.65 6.88
C GLY B 158 -10.27 -10.92 6.34
N GLU B 159 -10.47 -9.71 6.85
CA GLU B 159 -11.52 -8.84 6.35
C GLU B 159 -10.91 -7.70 5.56
N THR B 160 -11.67 -7.22 4.58
CA THR B 160 -11.24 -6.15 3.76
C THR B 160 -12.42 -5.49 3.05
N GLU B 161 -12.31 -4.17 2.93
CA GLU B 161 -13.25 -3.40 2.10
C GLU B 161 -12.70 -3.26 0.70
N LYS B 162 -11.50 -3.79 0.46
CA LYS B 162 -10.91 -3.72 -0.88
C LYS B 162 -11.42 -4.81 -1.79
N THR B 163 -11.30 -4.57 -3.10
CA THR B 163 -11.47 -5.65 -4.07
C THR B 163 -10.25 -5.70 -4.97
N GLY B 164 -9.86 -6.92 -5.38
CA GLY B 164 -8.73 -7.08 -6.28
C GLY B 164 -8.21 -8.51 -6.23
N THR B 165 -7.24 -8.78 -7.09
CA THR B 165 -6.66 -10.11 -7.18
C THR B 165 -5.14 -9.94 -7.21
N MET B 166 -4.46 -10.89 -6.54
CA MET B 166 -2.99 -10.98 -6.57
C MET B 166 -2.63 -12.42 -6.91
N VAL B 167 -1.89 -12.61 -8.00
CA VAL B 167 -1.29 -13.91 -8.33
C VAL B 167 0.23 -13.77 -8.33
N ARG B 168 0.88 -14.62 -7.53
CA ARG B 168 2.33 -14.72 -7.50
C ARG B 168 2.70 -16.12 -7.91
N PHE B 169 3.61 -16.26 -8.87
CA PHE B 169 3.97 -17.62 -9.36
C PHE B 169 5.50 -17.80 -9.42
N TRP B 170 5.90 -19.05 -9.25
CA TRP B 170 7.29 -19.46 -9.24
C TRP B 170 7.37 -20.44 -10.41
N PRO B 171 7.96 -20.01 -11.54
CA PRO B 171 7.97 -20.84 -12.74
C PRO B 171 8.64 -22.19 -12.52
N SER B 172 8.07 -23.26 -13.09
CA SER B 172 8.67 -24.59 -12.95
C SER B 172 10.01 -24.71 -13.66
N LEU B 173 11.05 -25.08 -12.92
CA LEU B 173 12.35 -25.31 -13.53
C LEU B 173 12.45 -26.65 -14.24
N GLU B 174 11.36 -27.43 -14.20
CA GLU B 174 11.20 -28.60 -15.08
C GLU B 174 10.73 -28.19 -16.47
N THR B 175 10.06 -27.05 -16.55
CA THR B 175 9.62 -26.56 -17.83
C THR B 175 10.61 -25.58 -18.42
N PHE B 176 11.00 -24.61 -17.61
CA PHE B 176 11.80 -23.49 -18.09
C PHE B 176 13.28 -23.69 -17.82
N THR B 177 14.07 -23.66 -18.89
CA THR B 177 15.47 -24.06 -18.84
C THR B 177 16.32 -22.94 -19.47
N ASN B 178 17.60 -22.89 -19.11
CA ASN B 178 18.52 -21.88 -19.65
C ASN B 178 18.28 -20.45 -19.17
N VAL B 179 17.38 -19.72 -19.83
CA VAL B 179 16.87 -18.47 -19.26
C VAL B 179 15.77 -18.75 -18.21
N THR B 180 16.16 -18.66 -16.93
CA THR B 180 15.22 -18.97 -15.86
C THR B 180 15.00 -17.78 -14.93
N GLU B 181 15.65 -16.67 -15.26
CA GLU B 181 15.56 -15.46 -14.45
C GLU B 181 14.89 -14.32 -15.21
N PHE B 182 14.00 -13.61 -14.52
CA PHE B 182 13.22 -12.60 -15.18
C PHE B 182 14.07 -11.39 -15.48
N GLU B 183 13.93 -10.87 -16.71
CA GLU B 183 14.66 -9.68 -17.12
C GLU B 183 13.83 -8.42 -17.00
N TYR B 184 14.24 -7.55 -16.07
CA TYR B 184 13.57 -6.28 -15.84
C TYR B 184 13.17 -5.52 -17.13
N GLU B 185 14.14 -5.26 -18.00
CA GLU B 185 13.90 -4.48 -19.21
C GLU B 185 12.76 -5.10 -20.04
N ILE B 186 12.71 -6.42 -20.14
CA ILE B 186 11.67 -7.07 -20.93
C ILE B 186 10.28 -6.76 -20.36
N LEU B 187 10.12 -6.86 -19.05
CA LEU B 187 8.83 -6.52 -18.44
C LEU B 187 8.54 -5.04 -18.62
N ALA B 188 9.56 -4.21 -18.40
CA ALA B 188 9.38 -2.76 -18.41
C ALA B 188 8.88 -2.30 -19.78
N LYS B 189 9.45 -2.88 -20.82
CA LYS B 189 9.19 -2.47 -22.19
C LYS B 189 7.73 -2.80 -22.52
N ARG B 190 7.28 -3.98 -22.10
CA ARG B 190 5.89 -4.38 -22.37
C ARG B 190 4.86 -3.59 -21.57
N LEU B 191 5.13 -3.36 -20.29
CA LEU B 191 4.21 -2.60 -19.47
C LEU B 191 4.11 -1.14 -19.92
N ARG B 192 5.19 -0.63 -20.50
CA ARG B 192 5.18 0.73 -21.02
C ARG B 192 4.25 0.81 -22.24
N GLU B 193 4.34 -0.21 -23.10
CA GLU B 193 3.45 -0.33 -24.26
C GLU B 193 1.98 -0.46 -23.81
N LEU B 194 1.76 -1.27 -22.78
CA LEU B 194 0.41 -1.47 -22.26
C LEU B 194 -0.16 -0.22 -21.63
N SER B 195 0.66 0.55 -20.93
CA SER B 195 0.24 1.83 -20.37
C SER B 195 -0.24 2.76 -21.50
N PHE B 196 0.44 2.72 -22.63
CA PHE B 196 0.10 3.63 -23.71
C PHE B 196 -1.27 3.31 -24.29
N LEU B 197 -1.57 2.02 -24.40
CA LEU B 197 -2.87 1.53 -24.90
C LEU B 197 -4.01 1.59 -23.88
N ASN B 198 -3.67 1.86 -22.61
CA ASN B 198 -4.65 1.75 -21.52
C ASN B 198 -4.42 2.90 -20.57
N SER B 199 -4.75 4.11 -21.02
CA SER B 199 -4.11 5.30 -20.46
C SER B 199 -4.62 5.67 -19.05
N GLY B 200 -5.81 5.15 -18.69
CA GLY B 200 -6.40 5.43 -17.40
C GLY B 200 -6.12 4.36 -16.34
N VAL B 201 -4.96 3.70 -16.46
CA VAL B 201 -4.52 2.68 -15.49
C VAL B 201 -3.10 2.98 -15.03
N SER B 202 -2.90 3.06 -13.71
CA SER B 202 -1.57 3.17 -13.14
C SER B 202 -0.91 1.78 -13.17
N ILE B 203 0.27 1.68 -13.77
CA ILE B 203 1.05 0.43 -13.75
C ILE B 203 2.41 0.67 -13.09
N ARG B 204 2.72 -0.11 -12.07
CA ARG B 204 4.01 -0.03 -11.41
C ARG B 204 4.75 -1.33 -11.62
N LEU B 205 6.07 -1.20 -11.81
CA LEU B 205 6.98 -2.33 -11.87
C LEU B 205 8.04 -2.18 -10.78
N ARG B 206 8.26 -3.25 -10.03
CA ARG B 206 9.25 -3.24 -8.95
C ARG B 206 10.12 -4.49 -8.99
N ASP B 207 11.43 -4.29 -8.87
CA ASP B 207 12.40 -5.38 -8.85
C ASP B 207 13.03 -5.41 -7.45
N LYS B 208 12.65 -6.40 -6.65
CA LYS B 208 13.19 -6.53 -5.31
C LYS B 208 14.61 -7.08 -5.27
N ARG B 209 15.09 -7.60 -6.40
CA ARG B 209 16.46 -8.07 -6.47
C ARG B 209 17.46 -6.91 -6.33
N ASP B 210 17.09 -5.75 -6.86
CA ASP B 210 17.99 -4.60 -6.84
C ASP B 210 17.32 -3.26 -6.52
N GLY B 211 16.04 -3.29 -6.18
CA GLY B 211 15.33 -2.06 -5.81
C GLY B 211 14.81 -1.19 -6.95
N LYS B 212 15.19 -1.52 -8.18
CA LYS B 212 14.81 -0.72 -9.35
C LYS B 212 13.30 -0.70 -9.46
N GLU B 213 12.74 0.44 -9.83
CA GLU B 213 11.32 0.51 -10.09
C GLU B 213 10.93 1.57 -11.10
N ASP B 214 9.74 1.39 -11.67
CA ASP B 214 9.21 2.27 -12.69
C ASP B 214 7.71 2.45 -12.50
N HIS B 215 7.20 3.57 -12.97
CA HIS B 215 5.77 3.83 -12.94
C HIS B 215 5.34 4.38 -14.29
N PHE B 216 4.26 3.83 -14.81
CA PHE B 216 3.70 4.21 -16.09
C PHE B 216 2.25 4.60 -15.94
N HIS B 217 1.90 5.67 -16.64
CA HIS B 217 0.82 6.53 -16.36
C HIS B 217 0.38 7.17 -17.61
#